data_9DR4
#
_entry.id   9DR4
#
_cell.length_a   94.883
_cell.length_b   94.883
_cell.length_c   262.532
_cell.angle_alpha   90.00
_cell.angle_beta   90.00
_cell.angle_gamma   120.00
#
_symmetry.space_group_name_H-M   'H 3 2'
#
loop_
_entity.id
_entity.type
_entity.pdbx_description
1 polymer 'Bifunctional protein GlmU'
2 non-polymer 'COENZYME A'
3 non-polymer 'MAGNESIUM ION'
4 non-polymer 1-O-phosphono-alpha-D-glucopyranose
5 non-polymer "URIDINE 5'-TRIPHOSPHATE"
6 water water
#
_entity_poly.entity_id   1
_entity_poly.type   'polypeptide(L)'
_entity_poly.pdbx_seq_one_letter_code
;MGHHHHHHGSMRRHAIILAAGKGTRMKSKKYKVLHEVAGKPMVEHVLESVKGSGVDQVVTIVGHGAESVKGHLGERSLYS
FQEEQLGTAHAVQMAKSHLEDKEGTTIVVCGDTPLITKETLVTLIAHHEDANAQATVLSASIQQPYGYGRIVRNASGRLE
RIVEEKDATQAEKDINEISSGIFAFNNKTLFEKLTQVKNDNAQGEYYLPDVLSLILNDGGIVEVYRTNDVEEIMGVNDRV
MLSQAEKAMQRRTNHYHMLNGVTIIDPDSTYIGPDVTIGSDTVIEPGVRINGRTEIGEDVVIGQYSEINNSTIENGACIQ
QSVVNDASVGANTKVGPFAQLRPGAQLGADVKVGNFVEIKKADLKDGAKVSHLSYIGDAVIGERTNIGCGTITVNYDGEN
KFKTIVGKDSFVGCNVNLVAPVTIGDDVLVAAGSTITDDVPNDSLAVARARQTTKEGYRK
;
_entity_poly.pdbx_strand_id   A
#
loop_
_chem_comp.id
_chem_comp.type
_chem_comp.name
_chem_comp.formula
COA non-polymer 'COENZYME A' 'C21 H36 N7 O16 P3 S'
G1P D-saccharide 1-O-phosphono-alpha-D-glucopyranose 'C6 H13 O9 P'
MG non-polymer 'MAGNESIUM ION' 'Mg 2'
UTP non-polymer 'URIDINE 5'-TRIPHOSPHATE' 'C9 H15 N2 O15 P3'
#
# COMPACT_ATOMS: atom_id res chain seq x y z
N MET A 11 -0.58 20.92 -22.44
CA MET A 11 0.80 21.04 -21.99
C MET A 11 1.16 19.87 -21.06
N ARG A 12 2.44 19.49 -21.05
CA ARG A 12 2.84 18.31 -20.31
C ARG A 12 3.01 18.65 -18.82
N ARG A 13 3.10 17.61 -18.01
CA ARG A 13 3.12 17.75 -16.56
C ARG A 13 4.18 16.82 -16.00
N HIS A 14 4.99 17.34 -15.10
CA HIS A 14 6.12 16.59 -14.55
C HIS A 14 6.06 16.66 -13.04
N ALA A 15 6.72 15.73 -12.39
CA ALA A 15 6.83 15.82 -10.94
C ALA A 15 8.24 15.49 -10.51
N ILE A 16 8.70 16.19 -9.48
CA ILE A 16 9.95 15.87 -8.81
C ILE A 16 9.59 15.47 -7.39
N ILE A 17 9.97 14.27 -6.97
CA ILE A 17 9.75 13.81 -5.60
C ILE A 17 11.09 13.82 -4.88
N LEU A 18 11.16 14.52 -3.75
CA LEU A 18 12.42 14.65 -2.99
C LEU A 18 12.52 13.52 -1.98
N ALA A 19 13.51 12.64 -2.15
CA ALA A 19 13.62 11.42 -1.37
C ALA A 19 15.04 11.16 -0.87
N ALA A 20 15.90 12.18 -0.82
CA ALA A 20 17.32 11.95 -0.53
C ALA A 20 17.79 12.53 0.79
N GLY A 21 16.91 13.07 1.63
CA GLY A 21 17.38 13.71 2.85
C GLY A 21 17.98 12.70 3.83
N LYS A 22 18.83 13.22 4.72
CA LYS A 22 19.48 12.35 5.72
C LYS A 22 18.47 11.72 6.68
N GLY A 23 17.37 12.41 6.98
CA GLY A 23 16.39 11.89 7.92
C GLY A 23 16.91 11.73 9.33
N THR A 24 17.69 12.70 9.82
CA THR A 24 18.37 12.53 11.11
C THR A 24 17.37 12.37 12.26
N ARG A 25 16.25 13.12 12.23
CA ARG A 25 15.25 13.04 13.29
C ARG A 25 14.49 11.71 13.32
N MET A 26 14.55 10.91 12.25
CA MET A 26 13.98 9.56 12.28
C MET A 26 14.77 8.58 13.12
N LYS A 27 16.06 8.88 13.38
CA LYS A 27 16.97 7.97 14.08
C LYS A 27 16.95 6.57 13.46
N SER A 28 17.18 6.54 12.16
CA SER A 28 17.07 5.33 11.36
C SER A 28 18.37 5.11 10.59
N LYS A 29 18.61 3.85 10.21
CA LYS A 29 19.64 3.51 9.25
C LYS A 29 19.10 3.40 7.83
N LYS A 30 17.80 3.58 7.64
CA LYS A 30 17.18 3.52 6.33
C LYS A 30 16.78 4.93 5.92
N TYR A 31 16.61 5.12 4.61
CA TYR A 31 16.10 6.39 4.12
C TYR A 31 14.73 6.65 4.70
N LYS A 32 14.50 7.88 5.13
CA LYS A 32 13.22 8.23 5.76
C LYS A 32 12.03 7.83 4.89
N VAL A 33 12.09 8.11 3.59
CA VAL A 33 10.90 7.94 2.76
C VAL A 33 10.61 6.46 2.56
N LEU A 34 11.48 5.57 3.02
CA LEU A 34 11.15 4.16 2.92
C LEU A 34 10.33 3.65 4.11
N HIS A 35 10.19 4.41 5.19
CA HIS A 35 9.35 3.94 6.28
C HIS A 35 7.90 3.92 5.85
N GLU A 36 7.11 3.03 6.46
CA GLU A 36 5.82 2.71 5.88
C GLU A 36 4.67 3.38 6.60
N VAL A 37 3.61 3.63 5.82
CA VAL A 37 2.29 3.95 6.30
C VAL A 37 1.34 3.03 5.56
N ALA A 38 0.45 2.34 6.28
CA ALA A 38 -0.48 1.39 5.66
C ALA A 38 0.24 0.39 4.77
N GLY A 39 1.34 -0.15 5.29
CA GLY A 39 2.09 -1.19 4.60
C GLY A 39 2.81 -0.76 3.33
N LYS A 40 2.95 0.55 3.09
CA LYS A 40 3.65 1.00 1.88
C LYS A 40 4.61 2.12 2.25
N PRO A 41 5.81 2.16 1.63
CA PRO A 41 6.72 3.28 1.87
C PRO A 41 6.05 4.61 1.59
N MET A 42 6.38 5.61 2.42
CA MET A 42 5.86 6.96 2.19
C MET A 42 6.08 7.44 0.76
N VAL A 43 7.26 7.19 0.19
CA VAL A 43 7.54 7.68 -1.15
C VAL A 43 6.64 6.99 -2.18
N GLU A 44 6.18 5.77 -1.90
CA GLU A 44 5.27 5.13 -2.82
C GLU A 44 3.87 5.73 -2.74
N HIS A 45 3.41 6.11 -1.54
CA HIS A 45 2.18 6.86 -1.47
C HIS A 45 2.28 8.13 -2.30
N VAL A 46 3.40 8.86 -2.19
CA VAL A 46 3.56 10.10 -2.95
C VAL A 46 3.58 9.81 -4.44
N LEU A 47 4.30 8.77 -4.86
CA LEU A 47 4.34 8.43 -6.28
C LEU A 47 2.94 8.12 -6.82
N GLU A 48 2.18 7.28 -6.09
CA GLU A 48 0.80 6.98 -6.48
C GLU A 48 -0.03 8.25 -6.66
N SER A 49 0.06 9.19 -5.73
CA SER A 49 -0.74 10.42 -5.87
C SER A 49 -0.29 11.25 -7.06
N VAL A 50 1.02 11.47 -7.20
CA VAL A 50 1.56 12.23 -8.32
C VAL A 50 1.10 11.64 -9.66
N LYS A 51 1.34 10.34 -9.85
CA LYS A 51 0.88 9.67 -11.06
C LYS A 51 -0.63 9.76 -11.21
N GLY A 52 -1.37 9.65 -10.11
CA GLY A 52 -2.83 9.80 -10.23
C GLY A 52 -3.28 11.19 -10.62
N SER A 53 -2.40 12.18 -10.47
CA SER A 53 -2.75 13.55 -10.80
C SER A 53 -2.56 13.87 -12.28
N GLY A 54 -2.17 12.90 -13.09
CA GLY A 54 -2.01 13.12 -14.51
C GLY A 54 -0.61 13.44 -14.97
N VAL A 55 0.40 13.17 -14.15
CA VAL A 55 1.77 13.59 -14.44
C VAL A 55 2.37 12.67 -15.50
N ASP A 56 3.01 13.28 -16.51
CA ASP A 56 3.60 12.52 -17.61
C ASP A 56 4.92 11.84 -17.21
N GLN A 57 5.77 12.53 -16.46
CA GLN A 57 7.07 11.99 -16.09
C GLN A 57 7.32 12.29 -14.62
N VAL A 58 7.84 11.31 -13.89
CA VAL A 58 8.24 11.51 -12.50
C VAL A 58 9.75 11.32 -12.39
N VAL A 59 10.41 12.22 -11.67
CA VAL A 59 11.81 12.09 -11.28
C VAL A 59 11.85 12.04 -9.77
N THR A 60 12.56 11.06 -9.21
CA THR A 60 12.76 10.99 -7.77
C THR A 60 14.23 11.25 -7.46
N ILE A 61 14.49 12.23 -6.58
CA ILE A 61 15.85 12.57 -6.16
C ILE A 61 16.28 11.62 -5.06
N VAL A 62 17.37 10.90 -5.28
CA VAL A 62 17.83 9.89 -4.34
C VAL A 62 19.27 10.17 -3.95
N GLY A 63 19.66 9.67 -2.77
CA GLY A 63 21.01 9.80 -2.27
C GLY A 63 21.84 8.53 -2.50
N HIS A 64 22.96 8.46 -1.80
CA HIS A 64 23.83 7.30 -1.90
C HIS A 64 23.20 6.08 -1.23
N GLY A 65 23.46 4.89 -1.78
CA GLY A 65 22.84 3.69 -1.25
C GLY A 65 21.33 3.67 -1.42
N ALA A 66 20.83 4.24 -2.52
CA ALA A 66 19.40 4.35 -2.80
C ALA A 66 18.83 3.12 -3.47
N GLU A 67 19.60 2.04 -3.57
CA GLU A 67 19.13 0.84 -4.26
C GLU A 67 17.75 0.42 -3.76
N SER A 68 17.50 0.56 -2.45
CA SER A 68 16.21 0.19 -1.88
C SER A 68 15.09 1.06 -2.42
N VAL A 69 15.31 2.38 -2.53
CA VAL A 69 14.28 3.24 -3.11
C VAL A 69 14.03 2.88 -4.57
N LYS A 70 15.10 2.86 -5.37
CA LYS A 70 14.97 2.47 -6.77
C LYS A 70 14.40 1.07 -6.90
N GLY A 71 14.81 0.16 -6.02
CA GLY A 71 14.19 -1.15 -6.00
C GLY A 71 12.68 -1.08 -5.86
N HIS A 72 12.21 -0.18 -4.99
CA HIS A 72 10.80 -0.16 -4.63
C HIS A 72 9.93 0.51 -5.69
N LEU A 73 10.39 1.62 -6.26
CA LEU A 73 9.60 2.29 -7.28
C LEU A 73 9.81 1.69 -8.67
N GLY A 74 10.90 0.96 -8.87
CA GLY A 74 11.14 0.33 -10.16
C GLY A 74 11.20 1.35 -11.30
N GLU A 75 10.56 1.00 -12.41
CA GLU A 75 10.54 1.84 -13.61
C GLU A 75 9.39 2.83 -13.63
N ARG A 76 8.63 2.94 -12.54
CA ARG A 76 7.59 3.96 -12.47
C ARG A 76 8.14 5.36 -12.26
N SER A 77 9.44 5.50 -12.01
CA SER A 77 10.08 6.79 -11.80
C SER A 77 11.44 6.81 -12.47
N LEU A 78 11.86 7.98 -12.94
CA LEU A 78 13.27 8.24 -13.22
C LEU A 78 13.98 8.63 -11.92
N TYR A 79 15.30 8.60 -11.96
CA TYR A 79 16.10 8.85 -10.75
C TYR A 79 17.22 9.82 -11.04
N SER A 80 17.47 10.69 -10.07
CA SER A 80 18.58 11.62 -10.10
C SER A 80 19.28 11.58 -8.76
N PHE A 81 20.61 11.54 -8.80
CA PHE A 81 21.42 11.34 -7.60
C PHE A 81 21.82 12.68 -7.01
N GLN A 82 21.57 12.87 -5.71
CA GLN A 82 22.02 14.05 -4.98
C GLN A 82 23.17 13.63 -4.06
N GLU A 83 24.39 14.08 -4.40
CA GLU A 83 25.59 13.60 -3.70
C GLU A 83 25.64 14.10 -2.26
N GLU A 84 25.44 15.39 -2.06
CA GLU A 84 25.41 15.99 -0.74
C GLU A 84 24.03 16.58 -0.52
N GLN A 85 23.54 16.51 0.72
CA GLN A 85 22.20 17.00 1.05
C GLN A 85 22.28 18.49 1.39
N LEU A 86 22.22 19.32 0.34
CA LEU A 86 22.41 20.75 0.49
C LEU A 86 21.12 21.56 0.41
N GLY A 87 19.96 20.93 0.51
CA GLY A 87 18.70 21.63 0.59
C GLY A 87 17.75 21.26 -0.55
N THR A 88 16.50 21.69 -0.36
CA THR A 88 15.44 21.31 -1.29
C THR A 88 15.67 21.90 -2.69
N ALA A 89 16.17 23.13 -2.76
CA ALA A 89 16.42 23.70 -4.09
C ALA A 89 17.57 23.00 -4.79
N HIS A 90 18.59 22.62 -4.04
CA HIS A 90 19.68 21.84 -4.61
C HIS A 90 19.19 20.47 -5.06
N ALA A 91 18.32 19.83 -4.27
CA ALA A 91 17.75 18.54 -4.66
C ALA A 91 16.99 18.66 -5.99
N VAL A 92 16.18 19.70 -6.15
CA VAL A 92 15.43 19.88 -7.39
C VAL A 92 16.38 20.07 -8.58
N GLN A 93 17.49 20.80 -8.35
CA GLN A 93 18.50 20.98 -9.38
C GLN A 93 19.04 19.65 -9.91
N MET A 94 19.12 18.62 -9.08
CA MET A 94 19.64 17.35 -9.57
C MET A 94 18.78 16.75 -10.69
N ALA A 95 17.54 17.19 -10.84
CA ALA A 95 16.64 16.67 -11.88
C ALA A 95 16.91 17.30 -13.26
N LYS A 96 17.93 18.15 -13.37
CA LYS A 96 18.15 18.93 -14.58
C LYS A 96 18.32 18.03 -15.80
N SER A 97 19.11 16.95 -15.65
CA SER A 97 19.37 16.05 -16.77
C SER A 97 18.08 15.54 -17.39
N HIS A 98 17.07 15.26 -16.58
CA HIS A 98 15.82 14.74 -17.08
C HIS A 98 14.86 15.83 -17.54
N LEU A 99 14.90 17.02 -16.93
CA LEU A 99 13.79 17.95 -17.03
C LEU A 99 14.15 19.37 -17.44
N GLU A 100 15.44 19.71 -17.55
CA GLU A 100 15.81 21.10 -17.79
C GLU A 100 15.15 21.67 -19.04
N ASP A 101 15.10 20.89 -20.12
CA ASP A 101 14.57 21.40 -21.38
C ASP A 101 13.13 20.98 -21.63
N LYS A 102 12.42 20.56 -20.59
CA LYS A 102 11.01 20.25 -20.73
C LYS A 102 10.18 21.51 -20.57
N GLU A 103 9.01 21.51 -21.18
CA GLU A 103 8.06 22.59 -21.06
C GLU A 103 6.80 22.09 -20.38
N GLY A 104 6.14 22.99 -19.67
CA GLY A 104 4.89 22.62 -19.03
C GLY A 104 4.98 22.84 -17.55
N THR A 105 4.13 22.15 -16.79
CA THR A 105 4.01 22.34 -15.35
C THR A 105 4.79 21.25 -14.62
N THR A 106 5.51 21.66 -13.58
CA THR A 106 6.27 20.71 -12.77
C THR A 106 5.89 20.92 -11.32
N ILE A 107 5.40 19.85 -10.66
CA ILE A 107 5.14 19.95 -9.23
C ILE A 107 6.30 19.31 -8.49
N VAL A 108 6.62 19.87 -7.32
CA VAL A 108 7.69 19.37 -6.47
C VAL A 108 7.03 18.97 -5.15
N VAL A 109 7.24 17.73 -4.74
N VAL A 109 7.21 17.70 -4.75
CA VAL A 109 6.65 17.22 -3.52
CA VAL A 109 6.59 17.14 -3.55
C VAL A 109 7.75 16.49 -2.76
C VAL A 109 7.62 16.34 -2.76
N CYS A 110 7.67 16.52 -1.44
CA CYS A 110 8.60 15.76 -0.62
C CYS A 110 8.14 14.32 -0.44
N GLY A 111 9.10 13.40 -0.41
CA GLY A 111 8.71 11.99 -0.27
C GLY A 111 8.17 11.60 1.09
N ASP A 112 8.18 12.54 2.06
CA ASP A 112 7.75 12.28 3.43
C ASP A 112 6.38 12.91 3.73
N THR A 113 5.58 13.14 2.69
N THR A 113 5.58 13.12 2.68
CA THR A 113 4.24 13.70 2.81
CA THR A 113 4.25 13.71 2.78
C THR A 113 3.25 12.68 2.28
C THR A 113 3.22 12.69 2.28
N PRO A 114 3.08 11.56 2.99
CA PRO A 114 2.35 10.42 2.40
C PRO A 114 0.85 10.60 2.35
N LEU A 115 0.29 11.63 2.98
CA LEU A 115 -1.15 11.80 2.99
C LEU A 115 -1.62 12.66 1.83
N ILE A 116 -0.69 13.16 1.00
CA ILE A 116 -1.07 14.05 -0.09
C ILE A 116 -2.03 13.32 -1.03
N THR A 117 -3.11 13.99 -1.41
CA THR A 117 -4.11 13.34 -2.23
C THR A 117 -3.95 13.70 -3.71
N LYS A 118 -4.30 12.76 -4.59
CA LYS A 118 -4.24 13.04 -6.02
C LYS A 118 -5.23 14.11 -6.43
N GLU A 119 -6.36 14.26 -5.71
CA GLU A 119 -7.30 15.31 -6.07
C GLU A 119 -6.74 16.68 -5.73
N THR A 120 -5.99 16.80 -4.65
CA THR A 120 -5.41 18.10 -4.33
C THR A 120 -4.33 18.49 -5.34
N LEU A 121 -3.55 17.50 -5.80
CA LEU A 121 -2.54 17.80 -6.79
C LEU A 121 -3.16 18.15 -8.14
N VAL A 122 -4.25 17.46 -8.53
CA VAL A 122 -4.95 17.77 -9.78
C VAL A 122 -5.38 19.24 -9.78
N THR A 123 -5.92 19.69 -8.67
CA THR A 123 -6.44 21.05 -8.58
C THR A 123 -5.32 22.06 -8.44
N LEU A 124 -4.27 21.76 -7.66
CA LEU A 124 -3.09 22.63 -7.66
C LEU A 124 -2.61 22.88 -9.10
N ILE A 125 -2.48 21.81 -9.88
CA ILE A 125 -1.99 21.95 -11.25
C ILE A 125 -2.97 22.75 -12.11
N ALA A 126 -4.27 22.44 -12.01
CA ALA A 126 -5.27 23.15 -12.83
C ALA A 126 -5.34 24.62 -12.46
N HIS A 127 -5.23 24.93 -11.17
CA HIS A 127 -5.26 26.31 -10.72
C HIS A 127 -4.05 27.07 -11.25
N HIS A 128 -2.90 26.41 -11.28
CA HIS A 128 -1.67 27.00 -11.77
C HIS A 128 -1.78 27.30 -13.26
N GLU A 129 -2.24 26.32 -14.03
CA GLU A 129 -2.28 26.46 -15.48
C GLU A 129 -3.33 27.48 -15.90
N ASP A 130 -4.47 27.51 -15.21
CA ASP A 130 -5.55 28.42 -15.60
C ASP A 130 -5.25 29.85 -15.25
N ALA A 131 -4.38 30.09 -14.27
CA ALA A 131 -3.93 31.44 -13.97
C ALA A 131 -2.73 31.85 -14.83
N ASN A 132 -2.23 30.93 -15.66
CA ASN A 132 -0.93 31.04 -16.33
C ASN A 132 0.13 31.61 -15.40
N ALA A 133 0.24 31.01 -14.22
CA ALA A 133 1.20 31.47 -13.23
C ALA A 133 2.62 30.99 -13.53
N GLN A 134 3.58 31.70 -12.98
CA GLN A 134 4.96 31.21 -12.98
C GLN A 134 5.17 30.13 -11.94
N ALA A 135 4.50 30.26 -10.79
CA ALA A 135 4.58 29.33 -9.67
C ALA A 135 3.29 29.44 -8.88
N THR A 136 2.91 28.36 -8.22
CA THR A 136 1.74 28.33 -7.36
C THR A 136 2.13 27.58 -6.10
N VAL A 137 1.86 28.16 -4.93
CA VAL A 137 2.14 27.49 -3.66
C VAL A 137 0.83 26.88 -3.17
N LEU A 138 0.90 25.62 -2.72
CA LEU A 138 -0.18 24.96 -2.00
C LEU A 138 -0.13 25.37 -0.53
N SER A 139 -1.22 25.96 -0.04
CA SER A 139 -1.27 26.46 1.32
C SER A 139 -2.36 25.70 2.08
N ALA A 140 -2.41 25.97 3.38
CA ALA A 140 -3.44 25.40 4.24
C ALA A 140 -3.56 26.30 5.46
N SER A 141 -4.73 26.25 6.09
CA SER A 141 -4.99 26.98 7.33
C SER A 141 -4.79 26.04 8.50
N ILE A 142 -3.99 26.47 9.46
CA ILE A 142 -3.64 25.62 10.59
C ILE A 142 -3.93 26.38 11.88
N GLN A 143 -4.37 25.64 12.93
CA GLN A 143 -4.69 26.28 14.20
C GLN A 143 -3.47 26.93 14.85
N GLN A 144 -2.33 26.25 14.83
CA GLN A 144 -1.09 26.80 15.37
C GLN A 144 -0.06 26.95 14.25
N PRO A 145 0.12 28.13 13.69
CA PRO A 145 1.06 28.30 12.57
C PRO A 145 2.47 28.67 12.99
N TYR A 146 2.80 28.66 14.29
CA TYR A 146 4.14 29.02 14.71
C TYR A 146 5.19 28.24 13.95
N GLY A 147 6.18 28.97 13.41
CA GLY A 147 7.31 28.36 12.75
C GLY A 147 7.14 28.11 11.26
N TYR A 148 5.92 28.17 10.74
CA TYR A 148 5.73 27.98 9.31
C TYR A 148 5.81 29.32 8.57
N GLY A 149 6.12 29.24 7.28
CA GLY A 149 6.05 30.42 6.45
C GLY A 149 4.60 30.83 6.24
N ARG A 150 4.30 32.11 6.52
CA ARG A 150 2.95 32.63 6.41
C ARG A 150 2.68 33.11 4.99
N ILE A 151 1.48 32.81 4.48
CA ILE A 151 1.05 33.32 3.19
C ILE A 151 0.63 34.78 3.36
N VAL A 152 1.37 35.70 2.74
CA VAL A 152 1.01 37.11 2.70
C VAL A 152 0.51 37.41 1.29
N ARG A 153 -0.77 37.67 1.17
CA ARG A 153 -1.37 37.92 -0.14
C ARG A 153 -1.41 39.41 -0.41
N ASN A 154 -1.33 39.78 -1.70
CA ASN A 154 -1.48 41.19 -2.04
C ASN A 154 -2.95 41.48 -2.25
N ALA A 155 -3.27 42.74 -2.62
CA ALA A 155 -4.66 43.16 -2.75
C ALA A 155 -5.41 42.39 -3.83
N SER A 156 -4.71 41.84 -4.82
CA SER A 156 -5.38 41.05 -5.84
C SER A 156 -5.61 39.59 -5.44
N GLY A 157 -5.15 39.18 -4.25
CA GLY A 157 -5.32 37.81 -3.79
C GLY A 157 -4.23 36.83 -4.19
N ARG A 158 -3.25 37.26 -4.97
CA ARG A 158 -2.08 36.45 -5.32
C ARG A 158 -0.99 36.65 -4.28
N LEU A 159 0.08 35.85 -4.38
CA LEU A 159 1.12 35.87 -3.36
C LEU A 159 1.90 37.17 -3.41
N GLU A 160 2.01 37.84 -2.26
CA GLU A 160 2.97 38.92 -2.10
C GLU A 160 4.31 38.39 -1.60
N ARG A 161 4.28 37.51 -0.59
CA ARG A 161 5.47 36.79 -0.16
C ARG A 161 5.08 35.71 0.83
N ILE A 162 5.97 34.75 1.02
CA ILE A 162 5.92 33.81 2.14
C ILE A 162 6.91 34.34 3.16
N VAL A 163 6.42 34.68 4.36
CA VAL A 163 7.29 35.32 5.34
C VAL A 163 7.57 34.32 6.45
N GLU A 164 8.86 34.10 6.71
CA GLU A 164 9.26 33.18 7.77
C GLU A 164 8.97 33.78 9.13
N GLU A 165 8.79 32.90 10.14
CA GLU A 165 8.52 33.37 11.50
C GLU A 165 9.53 34.44 11.93
N LYS A 166 10.82 34.16 11.72
CA LYS A 166 11.86 35.07 12.22
C LYS A 166 11.73 36.47 11.61
N ASP A 167 11.14 36.59 10.43
CA ASP A 167 11.05 37.87 9.73
C ASP A 167 9.69 38.55 9.85
N ALA A 168 8.72 37.91 10.50
CA ALA A 168 7.35 38.42 10.43
C ALA A 168 7.11 39.52 11.45
N THR A 169 6.29 40.50 11.07
CA THR A 169 5.74 41.44 12.05
C THR A 169 4.72 40.71 12.93
N GLN A 170 4.40 41.31 14.08
CA GLN A 170 3.39 40.69 14.95
C GLN A 170 2.07 40.46 14.21
N ALA A 171 1.65 41.42 13.37
CA ALA A 171 0.42 41.24 12.59
C ALA A 171 0.54 40.03 11.65
N GLU A 172 1.70 39.86 11.00
CA GLU A 172 1.88 38.72 10.11
C GLU A 172 1.91 37.39 10.88
N LYS A 173 2.44 37.39 12.10
CA LYS A 173 2.46 36.16 12.88
C LYS A 173 1.06 35.65 13.18
N ASP A 174 0.06 36.55 13.22
CA ASP A 174 -1.34 36.16 13.42
C ASP A 174 -1.96 35.46 12.21
N ILE A 175 -1.31 35.49 11.04
CA ILE A 175 -1.81 34.77 9.87
C ILE A 175 -1.75 33.27 10.12
N ASN A 176 -2.87 32.58 9.87
CA ASN A 176 -2.97 31.11 10.01
C ASN A 176 -2.75 30.37 8.70
N GLU A 177 -2.73 31.07 7.58
CA GLU A 177 -2.51 30.42 6.27
C GLU A 177 -1.02 30.25 6.05
N ILE A 178 -0.58 29.01 5.86
CA ILE A 178 0.84 28.68 5.83
C ILE A 178 1.16 27.97 4.52
N SER A 179 2.41 28.12 4.09
CA SER A 179 2.92 27.36 2.95
C SER A 179 3.13 25.90 3.34
N SER A 180 2.63 24.99 2.50
CA SER A 180 2.86 23.56 2.68
C SER A 180 4.24 23.11 2.22
N GLY A 181 5.00 23.94 1.51
CA GLY A 181 6.24 23.46 0.93
C GLY A 181 6.06 22.69 -0.35
N ILE A 182 4.82 22.51 -0.82
CA ILE A 182 4.53 21.89 -2.11
C ILE A 182 4.23 22.99 -3.12
N PHE A 183 4.87 22.96 -4.30
CA PHE A 183 4.70 24.01 -5.29
C PHE A 183 4.47 23.42 -6.68
N ALA A 184 3.82 24.21 -7.53
CA ALA A 184 3.77 23.95 -8.96
C ALA A 184 4.55 25.06 -9.66
N PHE A 185 5.28 24.71 -10.71
CA PHE A 185 6.12 25.68 -11.41
C PHE A 185 5.91 25.59 -12.91
N ASN A 186 6.04 26.75 -13.59
CA ASN A 186 6.42 26.74 -14.99
C ASN A 186 7.83 26.15 -15.09
N ASN A 187 7.96 25.02 -15.78
CA ASN A 187 9.20 24.26 -15.70
C ASN A 187 10.39 25.04 -16.22
N LYS A 188 10.22 25.80 -17.31
CA LYS A 188 11.35 26.58 -17.79
C LYS A 188 11.77 27.63 -16.79
N THR A 189 10.80 28.33 -16.18
CA THR A 189 11.16 29.31 -15.15
C THR A 189 11.84 28.66 -13.95
N LEU A 190 11.36 27.49 -13.53
CA LEU A 190 11.96 26.84 -12.36
C LEU A 190 13.45 26.68 -12.56
N PHE A 191 13.84 26.09 -13.68
CA PHE A 191 15.25 25.77 -13.84
C PHE A 191 16.09 27.02 -14.16
N GLU A 192 15.47 28.05 -14.74
CA GLU A 192 16.20 29.31 -14.90
C GLU A 192 16.48 29.98 -13.55
N LYS A 193 15.50 29.99 -12.64
CA LYS A 193 15.69 30.66 -11.35
C LYS A 193 16.55 29.86 -10.38
N LEU A 194 16.58 28.53 -10.51
CA LEU A 194 17.40 27.75 -9.60
C LEU A 194 18.87 28.14 -9.67
N THR A 195 19.32 28.60 -10.85
CA THR A 195 20.71 29.03 -10.99
C THR A 195 21.02 30.24 -10.12
N GLN A 196 20.03 31.03 -9.74
CA GLN A 196 20.26 32.24 -8.96
C GLN A 196 20.06 32.06 -7.47
N VAL A 197 19.52 30.93 -7.02
CA VAL A 197 19.33 30.71 -5.58
C VAL A 197 20.70 30.58 -4.92
N LYS A 198 20.90 31.29 -3.83
CA LYS A 198 22.15 31.24 -3.10
C LYS A 198 21.95 30.49 -1.79
N ASN A 199 23.05 30.05 -1.17
CA ASN A 199 22.98 29.39 0.12
C ASN A 199 23.62 30.24 1.23
N ASP A 200 23.40 31.56 1.14
CA ASP A 200 23.99 32.51 2.10
C ASP A 200 23.11 32.61 3.34
N ASN A 201 23.19 31.57 4.18
CA ASN A 201 22.38 31.48 5.39
C ASN A 201 23.07 30.51 6.35
N ALA A 202 22.48 30.36 7.53
CA ALA A 202 23.17 29.67 8.63
C ALA A 202 23.34 28.18 8.35
N GLN A 203 22.32 27.54 7.75
CA GLN A 203 22.43 26.13 7.46
C GLN A 203 23.28 25.84 6.23
N GLY A 204 23.66 26.87 5.46
CA GLY A 204 24.37 26.67 4.20
C GLY A 204 23.54 25.98 3.13
N GLU A 205 22.21 26.12 3.17
CA GLU A 205 21.32 25.33 2.33
C GLU A 205 20.69 26.19 1.25
N TYR A 206 20.39 25.54 0.12
CA TYR A 206 19.64 26.15 -0.97
C TYR A 206 18.16 25.82 -0.76
N TYR A 207 17.35 26.84 -0.43
CA TYR A 207 15.94 26.62 -0.05
C TYR A 207 15.02 26.83 -1.25
N LEU A 208 14.23 25.80 -1.60
CA LEU A 208 13.30 25.91 -2.72
C LEU A 208 12.41 27.16 -2.67
N PRO A 209 11.78 27.54 -1.52
CA PRO A 209 10.93 28.75 -1.53
C PRO A 209 11.62 29.98 -2.06
N ASP A 210 12.96 30.02 -1.99
CA ASP A 210 13.69 31.17 -2.52
C ASP A 210 13.43 31.38 -4.00
N VAL A 211 13.01 30.35 -4.74
CA VAL A 211 12.73 30.60 -6.15
C VAL A 211 11.50 31.46 -6.29
N LEU A 212 10.52 31.32 -5.39
CA LEU A 212 9.32 32.12 -5.45
C LEU A 212 9.64 33.59 -5.26
N SER A 213 10.52 33.93 -4.32
CA SER A 213 10.90 35.33 -4.15
C SER A 213 11.68 35.86 -5.36
N LEU A 214 12.49 35.01 -6.01
CA LEU A 214 13.10 35.42 -7.29
C LEU A 214 12.05 35.68 -8.36
N ILE A 215 11.01 34.82 -8.43
CA ILE A 215 9.96 35.02 -9.43
C ILE A 215 9.19 36.30 -9.14
N LEU A 216 8.92 36.57 -7.86
CA LEU A 216 8.21 37.78 -7.45
C LEU A 216 9.02 39.04 -7.75
N ASN A 217 10.30 39.04 -7.37
CA ASN A 217 11.14 40.21 -7.64
C ASN A 217 11.27 40.52 -9.12
N ASP A 218 11.04 39.54 -10.00
CA ASP A 218 11.04 39.80 -11.44
C ASP A 218 9.65 40.17 -11.96
N GLY A 219 8.67 40.38 -11.08
CA GLY A 219 7.34 40.75 -11.51
C GLY A 219 6.51 39.62 -12.06
N GLY A 220 6.89 38.38 -11.79
CA GLY A 220 6.10 37.25 -12.25
C GLY A 220 4.96 36.94 -11.31
N ILE A 221 3.97 36.25 -11.85
CA ILE A 221 2.76 35.91 -11.10
C ILE A 221 3.02 34.63 -10.31
N VAL A 222 2.80 34.69 -9.00
CA VAL A 222 2.79 33.52 -8.13
C VAL A 222 1.39 33.41 -7.51
N GLU A 223 0.72 32.30 -7.76
CA GLU A 223 -0.62 32.10 -7.22
C GLU A 223 -0.56 31.32 -5.91
N VAL A 224 -1.72 31.16 -5.29
CA VAL A 224 -1.88 30.40 -4.04
C VAL A 224 -3.13 29.54 -4.18
N TYR A 225 -2.99 28.23 -3.96
CA TYR A 225 -4.15 27.34 -3.92
C TYR A 225 -4.20 26.73 -2.53
N ARG A 226 -5.31 26.93 -1.85
CA ARG A 226 -5.43 26.48 -0.47
C ARG A 226 -6.18 25.16 -0.41
N THR A 227 -5.59 24.15 0.24
CA THR A 227 -6.30 22.90 0.46
C THR A 227 -7.11 22.99 1.75
N ASN A 228 -8.30 22.37 1.73
CA ASN A 228 -9.17 22.38 2.90
C ASN A 228 -8.81 21.31 3.92
N ASP A 229 -7.89 20.40 3.60
CA ASP A 229 -7.49 19.30 4.49
C ASP A 229 -6.03 19.48 4.90
N VAL A 230 -5.83 20.17 6.04
CA VAL A 230 -4.47 20.47 6.47
C VAL A 230 -3.69 19.19 6.77
N GLU A 231 -4.38 18.10 7.14
CA GLU A 231 -3.67 16.86 7.46
C GLU A 231 -2.91 16.31 6.25
N GLU A 232 -3.39 16.59 5.03
CA GLU A 232 -2.75 15.94 3.88
C GLU A 232 -1.37 16.49 3.57
N ILE A 233 -1.00 17.65 4.11
CA ILE A 233 0.31 18.21 3.85
C ILE A 233 1.29 17.92 4.98
N MET A 234 0.90 17.09 5.95
CA MET A 234 1.77 16.73 7.07
C MET A 234 3.06 16.07 6.56
N GLY A 235 4.20 16.51 7.09
CA GLY A 235 5.49 15.95 6.72
C GLY A 235 6.01 15.13 7.90
N VAL A 236 6.36 13.89 7.65
CA VAL A 236 6.78 12.98 8.71
C VAL A 236 8.29 13.10 8.93
N ASN A 237 8.70 13.54 10.12
CA ASN A 237 10.12 13.68 10.44
C ASN A 237 10.62 12.78 11.56
N ASP A 238 9.73 12.11 12.30
CA ASP A 238 10.16 11.24 13.40
C ASP A 238 9.13 10.14 13.59
N ARG A 239 9.39 9.21 14.53
CA ARG A 239 8.50 8.05 14.69
C ARG A 239 7.16 8.45 15.27
N VAL A 240 7.12 9.47 16.12
CA VAL A 240 5.83 9.95 16.62
C VAL A 240 4.97 10.45 15.46
N MET A 241 5.55 11.25 14.55
CA MET A 241 4.79 11.74 13.41
C MET A 241 4.40 10.62 12.47
N LEU A 242 5.18 9.55 12.43
CA LEU A 242 4.84 8.44 11.57
C LEU A 242 3.59 7.72 12.09
N SER A 243 3.48 7.54 13.41
CA SER A 243 2.23 6.99 13.94
C SER A 243 1.07 7.97 13.79
N GLN A 244 1.32 9.28 13.88
CA GLN A 244 0.24 10.23 13.59
C GLN A 244 -0.24 10.14 12.14
N ALA A 245 0.68 9.89 11.21
CA ALA A 245 0.25 9.72 9.83
C ALA A 245 -0.52 8.41 9.63
N GLU A 246 -0.11 7.32 10.29
CA GLU A 246 -0.93 6.12 10.26
C GLU A 246 -2.34 6.38 10.79
N LYS A 247 -2.45 7.13 11.90
CA LYS A 247 -3.77 7.41 12.47
C LYS A 247 -4.60 8.34 11.58
N ALA A 248 -3.96 9.32 10.93
CA ALA A 248 -4.71 10.20 10.02
C ALA A 248 -5.22 9.44 8.81
N MET A 249 -4.39 8.57 8.24
CA MET A 249 -4.83 7.73 7.13
C MET A 249 -5.95 6.79 7.55
N GLN A 250 -5.82 6.21 8.75
CA GLN A 250 -6.88 5.33 9.28
C GLN A 250 -8.22 6.08 9.40
N ARG A 251 -8.17 7.28 9.98
CA ARG A 251 -9.38 8.09 10.10
C ARG A 251 -9.99 8.40 8.73
N ARG A 252 -9.16 8.73 7.74
CA ARG A 252 -9.64 9.05 6.41
C ARG A 252 -10.31 7.86 5.74
N THR A 253 -9.64 6.71 5.73
N THR A 253 -9.63 6.70 5.70
CA THR A 253 -10.16 5.56 5.02
CA THR A 253 -10.22 5.57 4.99
C THR A 253 -11.37 4.96 5.73
C THR A 253 -11.41 4.99 5.73
N ASN A 254 -11.32 4.84 7.06
CA ASN A 254 -12.46 4.31 7.79
C ASN A 254 -13.70 5.18 7.58
N HIS A 255 -13.56 6.50 7.63
CA HIS A 255 -14.72 7.36 7.43
C HIS A 255 -15.29 7.19 6.02
N TYR A 256 -14.40 7.06 5.03
CA TYR A 256 -14.86 6.83 3.66
C TYR A 256 -15.74 5.59 3.56
N HIS A 257 -15.27 4.46 4.12
CA HIS A 257 -16.03 3.23 3.95
C HIS A 257 -17.34 3.27 4.74
N MET A 258 -17.32 3.89 5.91
CA MET A 258 -18.54 3.98 6.69
C MET A 258 -19.58 4.88 6.04
N LEU A 259 -19.16 5.80 5.19
CA LEU A 259 -20.13 6.63 4.46
C LEU A 259 -20.58 5.92 3.19
N ASN A 260 -20.07 4.74 2.95
CA ASN A 260 -20.38 4.00 1.74
C ASN A 260 -20.91 2.61 2.06
N GLY A 261 -21.59 2.48 3.19
CA GLY A 261 -22.32 1.27 3.51
C GLY A 261 -21.52 0.15 4.13
N VAL A 262 -20.33 0.42 4.67
CA VAL A 262 -19.51 -0.60 5.31
C VAL A 262 -19.63 -0.44 6.81
N THR A 263 -19.91 -1.53 7.52
CA THR A 263 -19.88 -1.46 8.98
C THR A 263 -18.47 -1.68 9.49
N ILE A 264 -17.98 -0.76 10.30
CA ILE A 264 -16.70 -0.94 10.99
C ILE A 264 -16.96 -0.85 12.48
N ILE A 265 -16.85 -1.98 13.16
CA ILE A 265 -17.25 -2.07 14.57
C ILE A 265 -16.43 -1.12 15.44
N ASP A 266 -15.09 -1.16 15.28
CA ASP A 266 -14.16 -0.32 16.05
C ASP A 266 -13.20 0.40 15.11
N PRO A 267 -13.54 1.61 14.69
CA PRO A 267 -12.70 2.33 13.73
C PRO A 267 -11.30 2.66 14.26
N ASP A 268 -11.10 2.68 15.57
CA ASP A 268 -9.80 3.00 16.15
C ASP A 268 -8.79 1.87 16.03
N SER A 269 -9.27 0.63 15.91
CA SER A 269 -8.42 -0.53 15.89
C SER A 269 -8.43 -1.23 14.53
N THR A 270 -9.04 -0.62 13.54
CA THR A 270 -9.18 -1.24 12.23
C THR A 270 -8.34 -0.46 11.24
N TYR A 271 -7.53 -1.16 10.45
CA TYR A 271 -6.56 -0.52 9.58
C TYR A 271 -6.83 -0.96 8.15
N ILE A 272 -7.36 -0.06 7.34
CA ILE A 272 -7.69 -0.36 5.96
C ILE A 272 -6.84 0.54 5.08
N GLY A 273 -6.07 -0.05 4.19
CA GLY A 273 -5.18 0.71 3.34
C GLY A 273 -5.92 1.53 2.31
N PRO A 274 -5.24 2.48 1.66
CA PRO A 274 -5.92 3.37 0.71
C PRO A 274 -6.27 2.73 -0.62
N ASP A 275 -5.77 1.54 -0.94
CA ASP A 275 -6.08 0.90 -2.21
C ASP A 275 -7.11 -0.22 -2.06
N VAL A 276 -7.83 -0.29 -0.95
CA VAL A 276 -8.79 -1.35 -0.68
C VAL A 276 -10.17 -0.88 -1.10
N THR A 277 -10.91 -1.73 -1.80
CA THR A 277 -12.31 -1.43 -2.07
C THR A 277 -13.19 -2.43 -1.34
N ILE A 278 -14.30 -1.96 -0.80
CA ILE A 278 -15.14 -2.79 0.05
C ILE A 278 -16.59 -2.54 -0.33
N GLY A 279 -17.33 -3.63 -0.60
CA GLY A 279 -18.74 -3.51 -0.95
C GLY A 279 -19.63 -3.29 0.27
N SER A 280 -20.86 -2.85 -0.01
CA SER A 280 -21.76 -2.48 1.06
C SER A 280 -22.29 -3.71 1.82
N ASP A 281 -22.72 -3.45 3.03
CA ASP A 281 -23.21 -4.44 3.99
C ASP A 281 -22.10 -5.39 4.48
N THR A 282 -20.86 -5.12 4.12
CA THR A 282 -19.74 -5.86 4.68
C THR A 282 -19.49 -5.38 6.12
N VAL A 283 -19.08 -6.32 6.99
CA VAL A 283 -18.77 -6.02 8.38
C VAL A 283 -17.28 -6.27 8.59
N ILE A 284 -16.58 -5.26 9.08
CA ILE A 284 -15.18 -5.38 9.46
C ILE A 284 -15.12 -5.39 10.99
N GLU A 285 -14.68 -6.50 11.56
CA GLU A 285 -14.62 -6.63 13.02
C GLU A 285 -13.34 -5.99 13.58
N PRO A 286 -13.21 -5.85 14.91
CA PRO A 286 -12.07 -5.10 15.47
C PRO A 286 -10.71 -5.72 15.12
N GLY A 287 -9.72 -4.85 15.00
CA GLY A 287 -8.37 -5.34 14.87
C GLY A 287 -8.01 -5.80 13.48
N VAL A 288 -8.94 -5.75 12.53
CA VAL A 288 -8.66 -6.23 11.19
C VAL A 288 -7.70 -5.28 10.48
N ARG A 289 -6.76 -5.85 9.72
CA ARG A 289 -5.83 -5.05 8.93
C ARG A 289 -5.93 -5.50 7.48
N ILE A 290 -6.28 -4.58 6.59
CA ILE A 290 -6.47 -4.90 5.17
C ILE A 290 -5.61 -3.94 4.38
N ASN A 291 -4.65 -4.48 3.61
CA ASN A 291 -3.74 -3.60 2.89
C ASN A 291 -3.52 -4.12 1.47
N GLY A 292 -2.68 -3.42 0.74
CA GLY A 292 -2.44 -3.79 -0.63
C GLY A 292 -3.64 -3.48 -1.49
N ARG A 293 -3.62 -4.07 -2.67
CA ARG A 293 -4.70 -3.91 -3.65
C ARG A 293 -5.71 -5.01 -3.39
N THR A 294 -6.66 -4.73 -2.50
CA THR A 294 -7.62 -5.72 -2.05
C THR A 294 -9.02 -5.30 -2.48
N GLU A 295 -9.77 -6.25 -2.98
CA GLU A 295 -11.17 -6.04 -3.36
C GLU A 295 -12.04 -6.97 -2.54
N ILE A 296 -12.95 -6.38 -1.76
CA ILE A 296 -13.86 -7.14 -0.91
C ILE A 296 -15.28 -6.86 -1.38
N GLY A 297 -16.04 -7.92 -1.64
CA GLY A 297 -17.39 -7.74 -2.14
C GLY A 297 -18.39 -7.34 -1.07
N GLU A 298 -19.68 -7.50 -1.40
CA GLU A 298 -20.77 -7.15 -0.49
C GLU A 298 -21.06 -8.28 0.47
N ASP A 299 -21.63 -7.92 1.62
CA ASP A 299 -22.11 -8.92 2.60
C ASP A 299 -21.01 -9.81 3.13
N VAL A 300 -19.77 -9.35 3.12
CA VAL A 300 -18.65 -10.12 3.63
C VAL A 300 -18.51 -9.83 5.13
N VAL A 301 -18.05 -10.82 5.87
CA VAL A 301 -17.61 -10.61 7.25
C VAL A 301 -16.12 -10.87 7.31
N ILE A 302 -15.36 -9.83 7.69
CA ILE A 302 -13.94 -10.02 8.02
C ILE A 302 -13.84 -10.02 9.54
N GLY A 303 -13.49 -11.19 10.08
CA GLY A 303 -13.55 -11.42 11.51
C GLY A 303 -12.32 -10.92 12.22
N GLN A 304 -12.47 -10.76 13.52
CA GLN A 304 -11.52 -10.05 14.35
C GLN A 304 -10.08 -10.54 14.13
N TYR A 305 -9.16 -9.58 14.11
CA TYR A 305 -7.71 -9.82 14.15
C TYR A 305 -7.22 -10.61 12.94
N SER A 306 -7.91 -10.47 11.80
CA SER A 306 -7.46 -11.03 10.53
C SER A 306 -6.48 -10.06 9.86
N GLU A 307 -5.66 -10.60 8.99
CA GLU A 307 -4.79 -9.77 8.15
C GLU A 307 -4.98 -10.20 6.71
N ILE A 308 -5.33 -9.25 5.84
CA ILE A 308 -5.64 -9.56 4.45
C ILE A 308 -4.84 -8.61 3.58
N ASN A 309 -4.04 -9.16 2.67
CA ASN A 309 -3.19 -8.35 1.79
C ASN A 309 -3.36 -8.78 0.34
N ASN A 310 -3.56 -7.81 -0.55
CA ASN A 310 -3.52 -8.05 -1.99
C ASN A 310 -4.43 -9.20 -2.43
N SER A 311 -5.67 -9.24 -1.93
CA SER A 311 -6.51 -10.39 -2.17
C SER A 311 -7.87 -9.96 -2.71
N THR A 312 -8.60 -10.94 -3.25
CA THR A 312 -9.99 -10.74 -3.67
C THR A 312 -10.90 -11.63 -2.84
N ILE A 313 -11.90 -11.03 -2.20
CA ILE A 313 -12.84 -11.76 -1.36
C ILE A 313 -14.24 -11.46 -1.87
N GLU A 314 -14.92 -12.48 -2.37
CA GLU A 314 -16.21 -12.23 -3.03
C GLU A 314 -17.39 -12.25 -2.06
N ASN A 315 -18.56 -11.90 -2.61
CA ASN A 315 -19.78 -11.70 -1.84
C ASN A 315 -20.09 -12.81 -0.84
N GLY A 316 -20.41 -12.43 0.39
CA GLY A 316 -20.89 -13.39 1.38
C GLY A 316 -19.83 -14.26 2.02
N ALA A 317 -18.56 -14.11 1.64
CA ALA A 317 -17.46 -14.87 2.25
C ALA A 317 -17.33 -14.50 3.72
N CYS A 318 -16.74 -15.41 4.50
CA CYS A 318 -16.53 -15.19 5.92
C CYS A 318 -15.08 -15.53 6.25
N ILE A 319 -14.30 -14.55 6.72
CA ILE A 319 -12.91 -14.78 7.09
C ILE A 319 -12.83 -14.62 8.59
N GLN A 320 -12.38 -15.64 9.31
CA GLN A 320 -12.28 -15.56 10.77
C GLN A 320 -10.84 -15.71 11.20
N GLN A 321 -10.32 -14.70 11.93
CA GLN A 321 -8.98 -14.62 12.53
C GLN A 321 -7.92 -15.41 11.75
N SER A 322 -7.62 -14.95 10.54
CA SER A 322 -6.87 -15.70 9.55
C SER A 322 -5.91 -14.76 8.85
N VAL A 323 -4.95 -15.33 8.15
CA VAL A 323 -3.96 -14.56 7.40
C VAL A 323 -4.10 -14.91 5.93
N VAL A 324 -4.28 -13.88 5.09
CA VAL A 324 -4.61 -14.10 3.68
C VAL A 324 -3.71 -13.20 2.86
N ASN A 325 -2.92 -13.79 1.95
CA ASN A 325 -1.99 -13.02 1.12
C ASN A 325 -2.10 -13.45 -0.32
N ASP A 326 -2.33 -12.48 -1.20
CA ASP A 326 -2.32 -12.74 -2.66
C ASP A 326 -3.19 -13.93 -3.03
N ALA A 327 -4.43 -13.92 -2.51
CA ALA A 327 -5.31 -15.07 -2.62
C ALA A 327 -6.64 -14.61 -3.21
N SER A 328 -7.43 -15.56 -3.63
CA SER A 328 -8.80 -15.26 -4.04
C SER A 328 -9.76 -16.22 -3.35
N VAL A 329 -10.86 -15.65 -2.86
CA VAL A 329 -11.85 -16.37 -2.10
C VAL A 329 -13.22 -16.13 -2.76
N GLY A 330 -13.86 -17.21 -3.23
CA GLY A 330 -15.15 -17.11 -3.88
C GLY A 330 -16.34 -16.90 -2.95
N ALA A 331 -17.52 -16.78 -3.57
CA ALA A 331 -18.73 -16.39 -2.86
C ALA A 331 -19.14 -17.39 -1.80
N ASN A 332 -19.57 -16.88 -0.64
CA ASN A 332 -20.08 -17.70 0.44
C ASN A 332 -19.08 -18.71 0.97
N THR A 333 -17.79 -18.44 0.80
CA THR A 333 -16.78 -19.37 1.27
C THR A 333 -16.39 -19.00 2.69
N LYS A 334 -16.04 -20.00 3.49
CA LYS A 334 -15.71 -19.77 4.90
C LYS A 334 -14.25 -20.14 5.19
N VAL A 335 -13.50 -19.22 5.81
CA VAL A 335 -12.06 -19.42 6.06
C VAL A 335 -11.78 -19.19 7.55
N GLY A 336 -11.19 -20.19 8.22
CA GLY A 336 -10.74 -19.98 9.57
C GLY A 336 -11.67 -20.62 10.58
N PRO A 337 -11.46 -20.33 11.88
CA PRO A 337 -10.43 -19.44 12.44
C PRO A 337 -9.05 -20.03 12.32
N PHE A 338 -8.02 -19.18 12.34
CA PHE A 338 -6.63 -19.63 12.37
C PHE A 338 -6.27 -20.43 11.12
N ALA A 339 -6.59 -19.90 9.95
CA ALA A 339 -6.13 -20.50 8.71
C ALA A 339 -5.16 -19.56 8.03
N GLN A 340 -4.40 -20.09 7.08
CA GLN A 340 -3.53 -19.22 6.30
C GLN A 340 -3.70 -19.48 4.82
N LEU A 341 -4.06 -18.45 4.07
CA LEU A 341 -4.05 -18.56 2.61
C LEU A 341 -2.80 -17.86 2.09
N ARG A 342 -1.93 -18.60 1.43
CA ARG A 342 -0.67 -18.09 0.90
C ARG A 342 -0.82 -17.78 -0.57
N PRO A 343 0.15 -17.09 -1.17
CA PRO A 343 -0.02 -16.62 -2.54
C PRO A 343 -0.42 -17.72 -3.49
N GLY A 344 -1.36 -17.40 -4.37
CA GLY A 344 -1.83 -18.37 -5.34
C GLY A 344 -2.92 -19.28 -4.82
N ALA A 345 -3.30 -19.14 -3.55
CA ALA A 345 -4.48 -19.85 -3.09
C ALA A 345 -5.69 -19.31 -3.81
N GLN A 346 -6.46 -20.21 -4.40
CA GLN A 346 -7.66 -19.87 -5.16
C GLN A 346 -8.81 -20.72 -4.65
N LEU A 347 -9.71 -20.13 -3.89
CA LEU A 347 -10.82 -20.88 -3.33
C LEU A 347 -12.09 -20.56 -4.12
N GLY A 348 -12.78 -21.60 -4.57
CA GLY A 348 -14.01 -21.40 -5.30
C GLY A 348 -15.13 -20.99 -4.37
N ALA A 349 -16.37 -21.11 -4.85
CA ALA A 349 -17.51 -20.68 -4.07
C ALA A 349 -18.00 -21.84 -3.19
N ASP A 350 -18.56 -21.48 -2.06
CA ASP A 350 -19.12 -22.44 -1.10
C ASP A 350 -18.05 -23.43 -0.61
N VAL A 351 -16.80 -23.00 -0.59
CA VAL A 351 -15.70 -23.80 -0.05
C VAL A 351 -15.61 -23.61 1.46
N LYS A 352 -15.10 -24.62 2.14
CA LYS A 352 -14.77 -24.51 3.55
C LYS A 352 -13.28 -24.75 3.77
N VAL A 353 -12.59 -23.78 4.40
CA VAL A 353 -11.20 -23.95 4.82
C VAL A 353 -11.19 -23.71 6.33
N GLY A 354 -11.03 -24.77 7.11
CA GLY A 354 -11.20 -24.72 8.56
C GLY A 354 -9.94 -24.35 9.33
N ASN A 355 -9.96 -24.62 10.66
CA ASN A 355 -8.82 -24.20 11.49
C ASN A 355 -7.55 -24.97 11.21
N PHE A 356 -6.41 -24.26 11.27
CA PHE A 356 -5.09 -24.86 11.16
C PHE A 356 -4.88 -25.49 9.78
N VAL A 357 -5.40 -24.84 8.76
CA VAL A 357 -5.24 -25.26 7.39
C VAL A 357 -4.40 -24.21 6.66
N GLU A 358 -3.47 -24.66 5.87
CA GLU A 358 -2.63 -23.82 5.03
C GLU A 358 -2.84 -24.16 3.57
N ILE A 359 -3.15 -23.16 2.74
CA ILE A 359 -3.38 -23.36 1.30
C ILE A 359 -2.37 -22.52 0.54
N LYS A 360 -1.60 -23.15 -0.37
CA LYS A 360 -0.60 -22.41 -1.16
C LYS A 360 -0.64 -22.88 -2.61
N LYS A 361 -0.79 -21.94 -3.55
CA LYS A 361 -0.73 -22.26 -4.98
C LYS A 361 -1.62 -23.45 -5.31
N ALA A 362 -2.87 -23.34 -4.91
CA ALA A 362 -3.75 -24.47 -4.98
C ALA A 362 -5.12 -23.98 -5.34
N ASP A 363 -5.83 -24.76 -6.13
CA ASP A 363 -7.15 -24.40 -6.64
C ASP A 363 -8.16 -25.33 -5.97
N LEU A 364 -9.03 -24.75 -5.13
CA LEU A 364 -10.07 -25.53 -4.44
C LEU A 364 -11.38 -25.23 -5.16
N LYS A 365 -11.89 -26.21 -5.89
CA LYS A 365 -13.09 -25.94 -6.71
C LYS A 365 -14.33 -25.82 -5.84
N ASP A 366 -15.44 -25.37 -6.44
CA ASP A 366 -16.67 -25.08 -5.70
C ASP A 366 -17.08 -26.26 -4.82
N GLY A 367 -17.50 -25.95 -3.59
CA GLY A 367 -17.99 -26.98 -2.67
C GLY A 367 -16.91 -27.83 -2.00
N ALA A 368 -15.65 -27.69 -2.36
CA ALA A 368 -14.62 -28.51 -1.71
C ALA A 368 -14.49 -28.13 -0.24
N LYS A 369 -14.07 -29.09 0.58
CA LYS A 369 -13.93 -28.87 2.01
C LYS A 369 -12.58 -29.34 2.52
N VAL A 370 -11.86 -28.46 3.20
CA VAL A 370 -10.58 -28.80 3.85
C VAL A 370 -10.74 -28.33 5.29
N SER A 371 -11.27 -29.18 6.14
CA SER A 371 -11.82 -28.65 7.39
C SER A 371 -10.81 -28.50 8.52
N HIS A 372 -9.67 -29.19 8.48
CA HIS A 372 -8.79 -29.01 9.64
C HIS A 372 -7.41 -29.61 9.43
N LEU A 373 -6.41 -28.93 9.98
CA LEU A 373 -5.07 -29.49 10.25
C LEU A 373 -4.44 -30.10 9.00
N SER A 374 -4.46 -29.34 7.91
CA SER A 374 -4.04 -29.87 6.62
C SER A 374 -3.20 -28.84 5.89
N TYR A 375 -2.37 -29.33 4.98
CA TYR A 375 -1.59 -28.49 4.08
C TYR A 375 -1.88 -28.88 2.64
N ILE A 376 -2.32 -27.92 1.84
CA ILE A 376 -2.64 -28.15 0.43
C ILE A 376 -1.80 -27.19 -0.39
N GLY A 377 -0.81 -27.72 -1.13
CA GLY A 377 0.10 -26.90 -1.91
C GLY A 377 0.33 -27.46 -3.30
N ASP A 378 0.39 -26.61 -4.32
CA ASP A 378 0.62 -27.05 -5.73
C ASP A 378 -0.37 -28.14 -6.15
N ALA A 379 -1.66 -27.80 -6.08
CA ALA A 379 -2.66 -28.86 -6.14
C ALA A 379 -3.96 -28.33 -6.70
N VAL A 380 -4.76 -29.25 -7.24
CA VAL A 380 -6.13 -28.95 -7.65
C VAL A 380 -7.05 -29.93 -6.92
N ILE A 381 -8.02 -29.41 -6.17
CA ILE A 381 -9.01 -30.23 -5.47
C ILE A 381 -10.36 -30.02 -6.16
N GLY A 382 -10.90 -31.10 -6.72
CA GLY A 382 -12.11 -30.98 -7.53
C GLY A 382 -13.36 -30.68 -6.72
N GLU A 383 -14.46 -30.43 -7.46
CA GLU A 383 -15.68 -29.95 -6.84
C GLU A 383 -16.21 -30.95 -5.82
N ARG A 384 -16.64 -30.41 -4.69
CA ARG A 384 -17.31 -31.12 -3.59
C ARG A 384 -16.41 -32.14 -2.91
N THR A 385 -15.12 -32.17 -3.21
CA THR A 385 -14.25 -33.17 -2.60
C THR A 385 -13.94 -32.82 -1.16
N ASN A 386 -13.94 -33.84 -0.32
CA ASN A 386 -13.72 -33.71 1.11
C ASN A 386 -12.29 -34.14 1.43
N ILE A 387 -11.49 -33.24 1.98
CA ILE A 387 -10.14 -33.56 2.40
C ILE A 387 -10.14 -33.73 3.91
N GLY A 388 -9.81 -34.93 4.39
CA GLY A 388 -9.89 -35.21 5.80
C GLY A 388 -8.81 -34.52 6.62
N CYS A 389 -9.05 -34.51 7.92
CA CYS A 389 -8.15 -33.93 8.90
C CYS A 389 -6.75 -34.53 8.79
N GLY A 390 -5.74 -33.69 8.85
CA GLY A 390 -4.38 -34.20 8.85
C GLY A 390 -3.80 -34.57 7.49
N THR A 391 -4.51 -34.29 6.40
CA THR A 391 -4.04 -34.69 5.07
C THR A 391 -3.03 -33.71 4.53
N ILE A 392 -2.05 -34.20 3.80
CA ILE A 392 -0.93 -33.39 3.32
C ILE A 392 -0.66 -33.71 1.86
N THR A 393 -0.59 -32.68 1.01
CA THR A 393 0.00 -32.82 -0.32
C THR A 393 1.51 -32.76 -0.12
N VAL A 394 2.19 -33.89 -0.27
CA VAL A 394 3.64 -33.93 -0.15
C VAL A 394 4.18 -33.46 -1.50
N ASN A 395 4.43 -32.15 -1.63
CA ASN A 395 4.68 -31.52 -2.93
C ASN A 395 6.16 -31.27 -3.19
N TYR A 396 7.04 -31.58 -2.25
CA TYR A 396 8.43 -31.12 -2.24
C TYR A 396 9.37 -32.31 -2.05
N ASP A 397 10.40 -32.39 -2.88
CA ASP A 397 11.41 -33.43 -2.76
C ASP A 397 12.75 -32.89 -2.27
N GLY A 398 12.85 -31.60 -2.00
CA GLY A 398 14.11 -31.00 -1.63
C GLY A 398 14.80 -30.28 -2.75
N GLU A 399 14.34 -30.47 -3.99
CA GLU A 399 14.85 -29.73 -5.14
C GLU A 399 13.69 -29.05 -5.87
N ASN A 400 12.66 -29.82 -6.20
CA ASN A 400 11.57 -29.37 -7.05
C ASN A 400 10.24 -29.52 -6.34
N LYS A 401 9.21 -28.92 -6.91
CA LYS A 401 7.84 -29.04 -6.44
C LYS A 401 7.04 -29.83 -7.46
N PHE A 402 6.09 -30.62 -6.97
CA PHE A 402 5.26 -31.44 -7.86
C PHE A 402 3.80 -31.23 -7.54
N LYS A 403 2.96 -31.50 -8.54
CA LYS A 403 1.54 -31.21 -8.50
C LYS A 403 0.72 -32.43 -8.06
N THR A 404 -0.32 -32.17 -7.27
CA THR A 404 -1.31 -33.16 -6.86
C THR A 404 -2.66 -32.81 -7.49
N ILE A 405 -3.33 -33.79 -8.07
CA ILE A 405 -4.66 -33.56 -8.64
C ILE A 405 -5.66 -34.50 -7.97
N VAL A 406 -6.73 -33.95 -7.41
CA VAL A 406 -7.81 -34.76 -6.87
C VAL A 406 -9.08 -34.45 -7.62
N GLY A 407 -9.80 -35.49 -8.03
CA GLY A 407 -11.02 -35.33 -8.79
C GLY A 407 -12.19 -34.88 -7.93
N LYS A 408 -13.37 -34.94 -8.54
N LYS A 408 -13.38 -34.95 -8.52
CA LYS A 408 -14.58 -34.39 -7.93
CA LYS A 408 -14.57 -34.41 -7.92
C LYS A 408 -15.31 -35.45 -7.13
C LYS A 408 -15.29 -35.46 -7.10
N ASP A 409 -16.05 -34.99 -6.11
CA ASP A 409 -16.87 -35.86 -5.27
C ASP A 409 -16.05 -36.98 -4.63
N SER A 410 -14.79 -36.73 -4.36
CA SER A 410 -13.96 -37.74 -3.74
C SER A 410 -13.85 -37.53 -2.24
N PHE A 411 -13.37 -38.56 -1.54
CA PHE A 411 -13.19 -38.51 -0.09
C PHE A 411 -11.75 -38.89 0.24
N VAL A 412 -10.95 -37.91 0.64
CA VAL A 412 -9.57 -38.23 1.01
C VAL A 412 -9.55 -38.36 2.53
N GLY A 413 -9.21 -39.55 3.01
CA GLY A 413 -9.29 -39.86 4.43
C GLY A 413 -8.34 -39.04 5.28
N CYS A 414 -8.50 -39.18 6.58
CA CYS A 414 -7.68 -38.45 7.53
C CYS A 414 -6.25 -38.95 7.55
N ASN A 415 -5.32 -38.03 7.80
CA ASN A 415 -3.90 -38.35 7.93
C ASN A 415 -3.38 -39.07 6.69
N VAL A 416 -3.84 -38.67 5.52
CA VAL A 416 -3.37 -39.20 4.26
C VAL A 416 -2.24 -38.33 3.73
N ASN A 417 -1.19 -38.96 3.22
CA ASN A 417 -0.10 -38.30 2.51
C ASN A 417 -0.24 -38.60 1.04
N LEU A 418 -0.42 -37.54 0.24
CA LEU A 418 -0.50 -37.68 -1.22
C LEU A 418 0.87 -37.30 -1.77
N VAL A 419 1.63 -38.29 -2.24
CA VAL A 419 3.03 -38.05 -2.58
C VAL A 419 3.09 -37.64 -4.06
N ALA A 420 3.24 -36.34 -4.32
CA ALA A 420 3.15 -35.82 -5.67
C ALA A 420 4.36 -36.26 -6.49
N PRO A 421 4.21 -36.36 -7.83
CA PRO A 421 3.00 -36.12 -8.63
C PRO A 421 2.07 -37.32 -8.53
N VAL A 422 0.80 -37.06 -8.28
CA VAL A 422 -0.16 -38.15 -8.17
C VAL A 422 -1.52 -37.60 -8.54
N THR A 423 -2.32 -38.43 -9.21
CA THR A 423 -3.69 -38.06 -9.60
C THR A 423 -4.69 -38.99 -8.92
N ILE A 424 -5.65 -38.39 -8.23
CA ILE A 424 -6.74 -39.14 -7.62
C ILE A 424 -7.99 -38.85 -8.44
N GLY A 425 -8.65 -39.90 -8.90
CA GLY A 425 -9.85 -39.79 -9.70
C GLY A 425 -11.09 -39.26 -8.97
N ASP A 426 -12.23 -39.38 -9.66
CA ASP A 426 -13.52 -38.93 -9.16
C ASP A 426 -14.17 -40.05 -8.36
N ASP A 427 -14.94 -39.66 -7.34
CA ASP A 427 -15.70 -40.63 -6.55
C ASP A 427 -14.78 -41.66 -5.90
N VAL A 428 -13.56 -41.25 -5.51
CA VAL A 428 -12.59 -42.12 -4.89
C VAL A 428 -12.67 -41.97 -3.38
N LEU A 429 -12.44 -43.07 -2.67
CA LEU A 429 -12.20 -43.06 -1.23
C LEU A 429 -10.76 -43.46 -0.96
N VAL A 430 -10.01 -42.58 -0.32
CA VAL A 430 -8.67 -42.93 0.15
C VAL A 430 -8.76 -43.17 1.65
N ALA A 431 -8.41 -44.38 2.08
CA ALA A 431 -8.55 -44.79 3.47
C ALA A 431 -7.65 -43.96 4.39
N ALA A 432 -8.14 -43.70 5.59
CA ALA A 432 -7.41 -42.93 6.58
C ALA A 432 -6.04 -43.55 6.88
N GLY A 433 -5.06 -42.70 7.11
CA GLY A 433 -3.74 -43.20 7.45
C GLY A 433 -2.90 -43.70 6.29
N SER A 434 -3.33 -43.49 5.05
CA SER A 434 -2.64 -44.05 3.90
C SER A 434 -1.60 -43.09 3.34
N THR A 435 -0.49 -43.63 2.87
CA THR A 435 0.46 -42.86 2.07
C THR A 435 0.33 -43.28 0.61
N ILE A 436 -0.14 -42.37 -0.23
CA ILE A 436 -0.54 -42.69 -1.60
C ILE A 436 0.57 -42.24 -2.55
N THR A 437 1.20 -43.21 -3.21
CA THR A 437 2.23 -42.97 -4.20
C THR A 437 1.80 -43.21 -5.64
N ASP A 438 0.70 -43.93 -5.89
CA ASP A 438 0.29 -44.28 -7.24
C ASP A 438 -1.07 -43.69 -7.57
N ASP A 439 -1.27 -43.34 -8.84
CA ASP A 439 -2.55 -42.78 -9.27
C ASP A 439 -3.69 -43.72 -8.92
N VAL A 440 -4.83 -43.14 -8.61
CA VAL A 440 -6.01 -43.88 -8.18
C VAL A 440 -7.14 -43.56 -9.16
N PRO A 441 -7.65 -44.54 -9.90
CA PRO A 441 -8.71 -44.25 -10.88
C PRO A 441 -10.05 -43.96 -10.21
N ASN A 442 -10.96 -43.39 -11.02
CA ASN A 442 -12.34 -43.13 -10.59
C ASN A 442 -12.96 -44.34 -9.93
N ASP A 443 -13.82 -44.09 -8.94
CA ASP A 443 -14.69 -45.11 -8.34
C ASP A 443 -13.89 -46.22 -7.66
N SER A 444 -12.75 -45.88 -7.10
CA SER A 444 -11.88 -46.87 -6.50
C SER A 444 -11.74 -46.58 -5.01
N LEU A 445 -11.25 -47.60 -4.30
CA LEU A 445 -10.79 -47.50 -2.94
C LEU A 445 -9.28 -47.71 -2.95
N ALA A 446 -8.56 -46.82 -2.28
CA ALA A 446 -7.11 -46.95 -2.12
C ALA A 446 -6.80 -47.01 -0.63
N VAL A 447 -5.95 -47.94 -0.23
CA VAL A 447 -5.57 -48.11 1.18
C VAL A 447 -4.10 -48.48 1.25
N ALA A 448 -3.36 -47.82 2.13
CA ALA A 448 -1.93 -48.12 2.30
C ALA A 448 -1.63 -48.00 3.78
N ARG A 449 -2.00 -49.03 4.54
CA ARG A 449 -1.71 -48.97 5.98
C ARG A 449 -1.67 -50.37 6.53
N ALA A 450 -0.95 -50.50 7.64
CA ALA A 450 -0.85 -51.80 8.29
C ALA A 450 -2.16 -52.12 8.99
N ARG A 451 -2.47 -53.41 9.10
CA ARG A 451 -3.65 -53.80 9.86
C ARG A 451 -3.33 -53.81 11.35
N GLN A 452 -4.39 -53.82 12.16
CA GLN A 452 -4.25 -53.63 13.60
C GLN A 452 -3.92 -54.94 14.32
N THR A 453 -2.91 -54.90 15.16
CA THR A 453 -2.57 -55.97 16.10
C THR A 453 -2.94 -55.53 17.50
N THR A 454 -3.82 -56.28 18.17
CA THR A 454 -4.22 -55.97 19.54
C THR A 454 -3.60 -57.00 20.46
N LYS A 455 -2.77 -56.55 21.38
CA LYS A 455 -2.09 -57.41 22.35
C LYS A 455 -2.87 -57.36 23.67
N GLU A 456 -3.86 -58.23 23.78
CA GLU A 456 -4.78 -58.14 24.90
C GLU A 456 -4.08 -58.52 26.20
N GLY A 457 -4.29 -57.72 27.24
CA GLY A 457 -3.68 -58.00 28.52
C GLY A 457 -2.21 -57.70 28.60
N TYR A 458 -1.65 -57.06 27.56
CA TYR A 458 -0.21 -56.83 27.51
C TYR A 458 0.28 -55.97 28.67
N ARG A 459 -0.58 -55.08 29.17
CA ARG A 459 -0.23 -54.11 30.20
C ARG A 459 -0.83 -54.48 31.54
N LYS A 460 -1.16 -55.75 31.75
CA LYS A 460 -1.82 -56.16 32.99
C LYS A 460 -0.80 -56.30 34.11
N1A COA B . 3.84 -54.00 14.54
C2A COA B . 3.35 -55.07 15.19
N3A COA B . 3.87 -55.39 16.40
C4A COA B . 4.86 -54.64 16.93
C5A COA B . 5.34 -53.57 16.29
C6A COA B . 4.81 -53.28 15.07
N6A COA B . 5.00 -52.27 14.05
N7A COA B . 6.28 -53.02 17.05
C8A COA B . 6.40 -53.75 18.15
N9A COA B . 5.51 -54.76 18.07
C1B COA B . 5.56 -55.55 19.23
C2B COA B . 6.77 -55.98 19.55
O2B COA B . 7.01 -57.19 18.81
C3B COA B . 6.53 -56.39 21.10
O3B COA B . 5.72 -57.56 21.02
P3B COA B . 6.12 -58.88 21.85
O7A COA B . 7.41 -59.46 21.34
O8A COA B . 5.01 -59.89 21.70
O9A COA B . 6.33 -58.44 23.29
C4B COA B . 5.80 -55.37 21.67
O4B COA B . 5.07 -54.71 20.49
C5B COA B . 6.69 -54.35 22.36
O5B COA B . 7.46 -53.62 21.41
P1A COA B . 9.06 -53.32 21.70
O1A COA B . 9.87 -53.84 20.54
O2A COA B . 9.47 -54.03 22.98
O3A COA B . 9.33 -51.68 21.82
P2A COA B . 8.72 -50.76 23.05
O4A COA B . 7.79 -51.60 23.89
O5A COA B . 9.84 -50.16 23.84
O6A COA B . 7.80 -49.56 22.36
CBP COA B . 5.72 -48.87 21.26
CCP COA B . 6.65 -50.03 21.70
CDP COA B . 4.99 -49.47 19.98
CEP COA B . 4.72 -48.59 22.37
CAP COA B . 6.52 -47.54 20.92
OAP COA B . 7.22 -47.67 19.75
C9P COA B . 5.57 -46.34 20.80
O9P COA B . 4.80 -46.23 19.89
N8P COA B . 5.56 -45.20 21.86
C7P COA B . 4.58 -44.06 21.62
C6P COA B . 4.54 -43.09 22.91
C5P COA B . 3.55 -41.92 22.50
O5P COA B . 3.14 -41.88 21.38
N4P COA B . 3.13 -40.91 23.50
C3P COA B . 2.23 -39.83 23.13
MG MG C . -0.65 -36.10 11.11
C1 G1P D . 4.46 -33.88 26.68
C2 G1P D . 3.64 -34.51 25.54
C3 G1P D . 2.19 -34.33 25.72
C4 G1P D . 1.73 -34.70 27.09
C5 G1P D . 2.61 -34.09 28.19
C6 G1P D . 2.12 -34.56 29.53
O1 G1P D . 4.18 -32.54 26.71
O2 G1P D . 4.00 -33.92 24.26
O3 G1P D . 1.47 -35.22 24.78
O4 G1P D . 0.38 -34.23 27.24
O5 G1P D . 4.03 -34.41 28.00
O6 G1P D . 0.97 -33.80 29.86
P G1P D . 5.37 -31.42 26.57
O1P G1P D . 6.71 -32.07 26.78
O2P G1P D . 5.15 -30.36 27.63
O3P G1P D . 5.27 -30.81 25.19
PA UTP E . 13.22 17.11 5.56
O1A UTP E . 13.88 18.33 6.14
O2A UTP E . 11.81 16.98 6.11
O3A UTP E . 13.96 15.68 5.89
O5' UTP E . 13.25 17.26 3.94
PB UTP E . 15.53 15.50 6.23
O1B UTP E . 16.31 16.78 5.98
O2B UTP E . 16.08 14.38 5.43
O3B UTP E . 15.53 15.05 7.79
PG UTP E . 16.22 15.86 9.02
O1G UTP E . 15.57 15.26 10.28
O2G UTP E . 17.70 15.58 8.97
O3G UTP E . 15.91 17.32 8.91
C5' UTP E . 12.04 17.42 3.25
C4' UTP E . 12.13 16.50 2.03
O4' UTP E . 13.10 16.92 1.24
C1' UTP E . 14.11 15.72 0.96
C2' UTP E . 13.96 14.88 2.05
O2' UTP E . 14.19 13.46 1.70
C3' UTP E . 12.52 15.05 2.49
O3' UTP E . 11.72 14.15 1.87
N1 UTP E . 15.42 16.29 0.88
C6 UTP E . 15.77 17.18 1.81
C2 UTP E . 16.28 16.00 -0.14
O2 UTP E . 15.99 15.23 -1.01
N3 UTP E . 17.51 16.60 -0.16
C4 UTP E . 17.85 17.48 0.78
O4 UTP E . 18.93 18.00 0.77
C5 UTP E . 16.98 17.77 1.78
#